data_1BY4
#
_entry.id   1BY4
#
_cell.length_a   70.930
_cell.length_b   33.650
_cell.length_c   101.400
_cell.angle_alpha   90.00
_cell.angle_beta   89.95
_cell.angle_gamma   90.00
#
_symmetry.space_group_name_H-M   'P 1 21 1'
#
loop_
_entity.id
_entity.type
_entity.pdbx_description
1 polymer "DNA (5'-D(*C*TP*AP*GP*GP*TP*CP*AP*AP*AP*GP*GP*TP*CP*AP*G)-3')"
2 polymer "DNA (5'-D(*CP*TP*GP*AP*CP*CP*TP*TP*TP*GP*AP*CP*CP*TP*A)-3')"
3 polymer 'PROTEIN (RETINOIC ACID RECEPTOR RXR-ALPHA)'
4 non-polymer 'ZINC ION'
5 water water
#
loop_
_entity_poly.entity_id
_entity_poly.type
_entity_poly.pdbx_seq_one_letter_code
_entity_poly.pdbx_strand_id
1 'polydeoxyribonucleotide' (DC)(DT)(DA)(DG)(DG)(DT)(DC)(DA)(DA)(DA)(DG)(DG)(DT)(DC)(DA)(DG) E,G
2 'polydeoxyribonucleotide' (DC)(DT)(DG)(DA)(DC)(DC)(DT)(DT)(DT)(DG)(DA)(DC)(DC)(DT)(DA) F,H
3 'polypeptide(L)'
;GSFTKHICAICGDRSSGKHYGVYSCEGCKGFFKRTVRKDLTYTCRDNKDCLIDKRQRNRCQYCRYQKCLAMGMKREAVQE
ER
;
A,B,C,D
#
loop_
_chem_comp.id
_chem_comp.type
_chem_comp.name
_chem_comp.formula
DA DNA linking 2'-DEOXYADENOSINE-5'-MONOPHOSPHATE 'C10 H14 N5 O6 P'
DC DNA linking 2'-DEOXYCYTIDINE-5'-MONOPHOSPHATE 'C9 H14 N3 O7 P'
DG DNA linking 2'-DEOXYGUANOSINE-5'-MONOPHOSPHATE 'C10 H14 N5 O7 P'
DT DNA linking THYMIDINE-5'-MONOPHOSPHATE 'C10 H15 N2 O8 P'
ZN non-polymer 'ZINC ION' 'Zn 2'
#
# COMPACT_ATOMS: atom_id res chain seq x y z
N THR E 4 -46.96 -26.24 8.93
CA THR E 4 -45.93 -26.17 7.84
C THR E 4 -45.62 -24.72 7.45
N LYS E 5 -44.33 -24.40 7.41
CA LYS E 5 -43.83 -23.07 7.08
C LYS E 5 -44.22 -22.65 5.68
N HIS E 6 -43.37 -21.84 5.06
CA HIS E 6 -43.66 -21.35 3.74
C HIS E 6 -42.45 -20.76 3.07
N ILE E 7 -42.60 -20.51 1.79
CA ILE E 7 -41.51 -19.97 1.00
C ILE E 7 -41.76 -18.53 0.63
N CYS E 8 -40.67 -17.84 0.38
CA CYS E 8 -40.74 -16.47 0.02
C CYS E 8 -41.19 -16.45 -1.42
N ALA E 9 -42.20 -15.65 -1.71
CA ALA E 9 -42.72 -15.58 -3.04
C ALA E 9 -41.76 -14.87 -3.98
N ILE E 10 -40.92 -14.00 -3.41
CA ILE E 10 -39.97 -13.17 -4.18
C ILE E 10 -38.49 -13.63 -4.39
N CYS E 11 -38.03 -14.64 -3.64
CA CYS E 11 -36.64 -15.06 -3.76
C CYS E 11 -36.51 -16.49 -3.40
N GLY E 12 -37.65 -17.08 -3.01
CA GLY E 12 -37.73 -18.50 -2.66
C GLY E 12 -37.15 -18.91 -1.32
N ASP E 13 -36.66 -17.94 -0.56
CA ASP E 13 -36.07 -18.19 0.75
C ASP E 13 -37.17 -18.63 1.70
N ARG E 14 -36.76 -19.09 2.88
CA ARG E 14 -37.67 -19.47 3.94
C ARG E 14 -38.43 -18.21 4.43
N SER E 15 -39.77 -18.30 4.61
CA SER E 15 -40.60 -17.17 5.07
C SER E 15 -41.06 -17.17 6.55
N SER E 16 -41.01 -15.95 7.11
CA SER E 16 -41.37 -15.68 8.49
C SER E 16 -42.82 -15.22 8.54
N GLY E 17 -43.65 -15.80 7.65
CA GLY E 17 -45.06 -15.45 7.55
C GLY E 17 -45.34 -14.58 6.34
N LYS E 18 -46.31 -13.67 6.43
CA LYS E 18 -46.68 -12.75 5.35
C LYS E 18 -46.37 -11.27 5.69
N HIS E 19 -46.01 -10.43 4.72
CA HIS E 19 -45.67 -9.09 5.09
C HIS E 19 -46.31 -7.94 4.34
N TYR E 20 -46.10 -7.71 3.06
CA TYR E 20 -46.86 -6.57 2.54
C TYR E 20 -47.89 -6.94 1.47
N GLY E 21 -48.54 -8.07 1.74
CA GLY E 21 -49.60 -8.60 0.89
C GLY E 21 -49.28 -10.02 0.51
N VAL E 22 -48.03 -10.42 0.77
CA VAL E 22 -47.58 -11.72 0.34
C VAL E 22 -46.72 -12.43 1.32
N TYR E 23 -46.63 -13.74 1.19
CA TYR E 23 -45.76 -14.57 2.02
C TYR E 23 -44.32 -14.32 1.60
N SER E 24 -43.55 -13.62 2.44
CA SER E 24 -42.18 -13.26 2.14
C SER E 24 -41.26 -13.40 3.34
N CYS E 25 -39.96 -13.51 3.07
CA CYS E 25 -38.90 -13.63 4.08
C CYS E 25 -38.49 -12.23 4.60
N GLU E 26 -37.80 -12.16 5.76
CA GLU E 26 -37.40 -10.84 6.32
C GLU E 26 -36.63 -9.91 5.33
N GLY E 27 -35.82 -10.51 4.45
CA GLY E 27 -35.03 -9.72 3.53
C GLY E 27 -35.84 -8.84 2.63
N CYS E 28 -36.71 -9.54 1.88
CA CYS E 28 -37.61 -8.94 0.91
C CYS E 28 -38.56 -7.90 1.59
N LYS E 29 -39.09 -8.31 2.75
CA LYS E 29 -39.97 -7.49 3.59
C LYS E 29 -39.28 -6.12 3.95
N GLY E 30 -38.09 -6.19 4.56
CA GLY E 30 -37.36 -4.97 4.91
C GLY E 30 -37.00 -4.17 3.65
N PHE E 31 -36.44 -4.89 2.67
CA PHE E 31 -36.07 -4.29 1.38
C PHE E 31 -37.28 -3.51 0.86
N PHE E 32 -38.45 -4.14 0.91
CA PHE E 32 -39.66 -3.52 0.41
C PHE E 32 -40.05 -2.26 1.15
N LYS E 33 -40.17 -2.35 2.47
CA LYS E 33 -40.55 -1.20 3.28
C LYS E 33 -39.59 0.00 3.10
N ARG E 34 -38.27 -0.27 3.14
CA ARG E 34 -37.22 0.76 2.97
C ARG E 34 -37.38 1.45 1.63
N THR E 35 -37.50 0.61 0.60
CA THR E 35 -37.62 1.13 -0.76
C THR E 35 -38.76 2.14 -0.82
N VAL E 36 -39.96 1.72 -0.39
CA VAL E 36 -41.17 2.58 -0.39
C VAL E 36 -40.98 3.84 0.44
N ARG E 37 -40.52 3.61 1.67
CA ARG E 37 -40.27 4.63 2.67
C ARG E 37 -39.19 5.64 2.28
N LYS E 38 -37.95 5.31 2.62
CA LYS E 38 -36.84 6.21 2.31
C LYS E 38 -36.64 6.30 0.82
N ASP E 39 -37.71 6.68 0.12
CA ASP E 39 -37.75 6.79 -1.34
C ASP E 39 -36.52 6.32 -2.05
N LEU E 40 -36.69 5.19 -2.73
CA LEU E 40 -35.60 4.58 -3.48
C LEU E 40 -36.03 4.53 -4.92
N THR E 41 -35.05 4.54 -5.83
CA THR E 41 -35.34 4.55 -7.26
C THR E 41 -34.24 3.93 -8.14
N TYR E 42 -33.89 2.66 -7.95
CA TYR E 42 -32.80 2.04 -8.77
C TYR E 42 -33.07 1.59 -10.22
N THR E 43 -32.00 1.55 -11.02
CA THR E 43 -32.10 1.16 -12.44
C THR E 43 -31.25 -0.05 -12.84
N CYS E 44 -31.94 -1.06 -13.35
CA CYS E 44 -31.31 -2.30 -13.80
C CYS E 44 -29.94 -2.08 -14.44
N ARG E 45 -28.91 -2.77 -13.93
CA ARG E 45 -27.53 -2.66 -14.47
C ARG E 45 -27.40 -3.42 -15.80
N ASP E 46 -28.47 -4.13 -16.21
CA ASP E 46 -28.45 -4.93 -17.45
C ASP E 46 -29.74 -4.87 -18.29
N ASN E 47 -30.85 -5.35 -17.74
CA ASN E 47 -32.18 -5.40 -18.37
C ASN E 47 -33.12 -6.23 -17.46
N LYS E 48 -34.39 -5.82 -17.35
CA LYS E 48 -35.34 -6.58 -16.51
C LYS E 48 -35.14 -8.03 -16.93
N ASP E 49 -34.49 -8.82 -16.08
CA ASP E 49 -34.18 -10.18 -16.43
C ASP E 49 -33.73 -10.83 -15.15
N CYS E 50 -32.63 -10.30 -14.64
CA CYS E 50 -31.99 -10.74 -13.41
C CYS E 50 -32.75 -11.83 -12.70
N LEU E 51 -32.08 -12.97 -12.58
CA LEU E 51 -32.65 -14.15 -11.98
C LEU E 51 -32.66 -14.09 -10.49
N ILE E 52 -33.68 -13.39 -9.94
CA ILE E 52 -33.93 -13.19 -8.48
C ILE E 52 -34.12 -14.47 -7.64
N ASP E 53 -33.13 -14.81 -6.82
CA ASP E 53 -33.26 -15.96 -5.96
C ASP E 53 -32.67 -15.65 -4.61
N LYS E 54 -32.72 -16.64 -3.72
CA LYS E 54 -32.14 -16.52 -2.42
C LYS E 54 -30.78 -15.82 -2.59
N ARG E 55 -29.86 -16.48 -3.31
CA ARG E 55 -28.49 -16.05 -3.57
C ARG E 55 -28.23 -14.76 -4.40
N GLN E 56 -28.81 -14.64 -5.59
CA GLN E 56 -28.62 -13.45 -6.42
C GLN E 56 -29.65 -12.39 -6.09
N ARG E 57 -30.12 -12.45 -4.84
CA ARG E 57 -31.13 -11.53 -4.27
C ARG E 57 -30.82 -10.06 -4.43
N ASN E 58 -29.58 -9.72 -4.04
CA ASN E 58 -29.16 -8.34 -4.03
C ASN E 58 -28.41 -7.74 -5.18
N ARG E 59 -27.98 -8.54 -6.17
CA ARG E 59 -27.24 -7.94 -7.28
C ARG E 59 -28.04 -6.81 -7.92
N CYS E 60 -29.27 -7.07 -8.38
CA CYS E 60 -30.08 -5.99 -8.97
C CYS E 60 -31.24 -5.65 -8.03
N GLN E 61 -31.31 -4.38 -7.68
CA GLN E 61 -32.37 -3.89 -6.83
C GLN E 61 -33.61 -3.51 -7.68
N TYR E 62 -33.44 -3.15 -8.96
CA TYR E 62 -34.60 -2.83 -9.80
C TYR E 62 -35.54 -4.04 -9.85
N CYS E 63 -34.96 -5.18 -10.26
CA CYS E 63 -35.64 -6.45 -10.39
C CYS E 63 -36.13 -7.07 -9.05
N ARG E 64 -35.44 -6.78 -7.92
CA ARG E 64 -35.85 -7.28 -6.58
C ARG E 64 -37.04 -6.52 -6.05
N TYR E 65 -37.07 -5.23 -6.35
CA TYR E 65 -38.20 -4.43 -5.93
C TYR E 65 -39.34 -4.64 -6.95
N GLN E 66 -39.02 -4.62 -8.24
CA GLN E 66 -40.12 -4.82 -9.16
C GLN E 66 -40.65 -6.24 -9.10
N LYS E 67 -39.88 -7.19 -8.59
CA LYS E 67 -40.39 -8.55 -8.42
C LYS E 67 -41.28 -8.67 -7.15
N CYS E 68 -41.25 -7.65 -6.30
CA CYS E 68 -42.05 -7.58 -5.08
C CYS E 68 -43.46 -7.11 -5.42
N LEU E 69 -43.55 -6.26 -6.43
CA LEU E 69 -44.82 -5.70 -6.84
C LEU E 69 -45.63 -6.64 -7.70
N ALA E 70 -44.96 -7.50 -8.46
CA ALA E 70 -45.62 -8.47 -9.32
C ALA E 70 -46.16 -9.56 -8.42
N MET E 71 -45.79 -9.46 -7.15
CA MET E 71 -46.17 -10.42 -6.13
C MET E 71 -47.43 -10.00 -5.31
N GLY E 72 -47.61 -8.69 -5.15
CA GLY E 72 -48.75 -8.23 -4.37
C GLY E 72 -48.30 -7.09 -3.50
N MET E 73 -47.18 -7.27 -2.81
CA MET E 73 -46.61 -6.21 -1.96
C MET E 73 -46.98 -4.82 -2.49
N LYS E 74 -47.78 -4.04 -1.77
CA LYS E 74 -48.15 -2.69 -2.27
C LYS E 74 -47.58 -1.50 -1.48
N ARG E 75 -47.58 -0.32 -2.12
CA ARG E 75 -47.08 0.90 -1.47
C ARG E 75 -48.03 1.31 -0.29
N GLU E 76 -49.24 0.75 -0.38
CA GLU E 76 -50.32 0.97 0.57
C GLU E 76 -50.13 0.27 1.90
N ALA E 77 -49.13 -0.59 1.98
CA ALA E 77 -48.89 -1.38 3.20
C ALA E 77 -48.03 -0.82 4.34
N VAL E 78 -47.31 0.27 4.09
CA VAL E 78 -46.43 0.85 5.13
C VAL E 78 -46.63 2.34 5.31
N GLN E 79 -46.27 2.84 6.50
CA GLN E 79 -46.41 4.29 6.69
C GLN E 79 -45.12 5.01 6.29
N GLU E 80 -45.29 6.21 5.75
CA GLU E 80 -44.21 7.06 5.26
C GLU E 80 -43.11 7.33 6.30
N GLU E 81 -41.89 7.47 5.79
CA GLU E 81 -40.69 7.74 6.60
C GLU E 81 -40.95 8.65 7.81
N ARG E 82 -41.08 8.03 8.99
CA ARG E 82 -41.36 8.75 10.24
C ARG E 82 -40.33 8.64 11.41
N GLY F 1 -19.88 4.70 29.65
CA GLY F 1 -18.95 3.69 29.01
C GLY F 1 -18.88 3.91 27.51
N SER F 2 -17.79 3.45 26.91
CA SER F 2 -17.63 3.64 25.49
C SER F 2 -16.43 2.91 24.95
N PHE F 3 -15.26 3.48 25.19
CA PHE F 3 -14.00 2.94 24.68
C PHE F 3 -13.79 1.44 24.76
N THR F 4 -14.41 0.81 25.74
CA THR F 4 -14.35 -0.65 25.84
C THR F 4 -15.64 -1.08 25.10
N LYS F 5 -15.54 -2.11 24.27
CA LYS F 5 -16.66 -2.63 23.47
C LYS F 5 -16.31 -4.10 23.47
N HIS F 6 -15.67 -4.53 22.38
CA HIS F 6 -15.22 -5.92 22.23
C HIS F 6 -13.75 -5.91 21.84
N ILE F 7 -13.08 -7.04 22.01
CA ILE F 7 -11.66 -7.07 21.64
C ILE F 7 -11.57 -8.13 20.55
N CYS F 8 -10.81 -7.85 19.49
CA CYS F 8 -10.62 -8.85 18.42
C CYS F 8 -9.90 -10.11 18.97
N ALA F 9 -10.52 -11.26 18.76
CA ALA F 9 -9.99 -12.55 19.24
C ALA F 9 -8.69 -13.02 18.54
N ILE F 10 -8.36 -12.40 17.39
CA ILE F 10 -7.18 -12.74 16.61
C ILE F 10 -5.85 -12.04 16.93
N CYS F 11 -5.86 -10.70 16.91
CA CYS F 11 -4.67 -9.91 17.16
C CYS F 11 -4.71 -9.05 18.42
N GLY F 12 -5.83 -9.05 19.14
CA GLY F 12 -5.93 -8.23 20.32
C GLY F 12 -6.46 -6.80 20.14
N ASP F 13 -6.38 -6.27 18.92
CA ASP F 13 -6.89 -4.93 18.56
C ASP F 13 -8.36 -4.67 18.97
N ARG F 14 -8.88 -3.49 18.69
CA ARG F 14 -10.27 -3.23 19.04
C ARG F 14 -11.22 -3.93 18.10
N SER F 15 -12.47 -4.02 18.53
CA SER F 15 -13.47 -4.70 17.73
C SER F 15 -14.85 -4.19 18.11
N SER F 16 -15.62 -3.83 17.09
CA SER F 16 -16.98 -3.30 17.23
C SER F 16 -18.05 -4.39 17.48
N GLY F 17 -17.69 -5.63 17.15
CA GLY F 17 -18.62 -6.74 17.27
C GLY F 17 -18.02 -7.98 16.63
N LYS F 18 -18.85 -8.87 16.12
CA LYS F 18 -18.31 -10.08 15.53
C LYS F 18 -18.28 -9.97 14.01
N HIS F 19 -17.40 -10.70 13.39
CA HIS F 19 -17.42 -10.55 11.98
C HIS F 19 -17.67 -11.79 11.21
N TYR F 20 -16.87 -12.81 11.31
CA TYR F 20 -17.35 -13.93 10.50
C TYR F 20 -17.50 -15.02 11.51
N GLY F 21 -18.39 -14.68 12.45
CA GLY F 21 -18.78 -15.54 13.55
C GLY F 21 -17.80 -15.50 14.69
N VAL F 22 -17.00 -14.45 14.70
CA VAL F 22 -16.01 -14.28 15.76
C VAL F 22 -15.67 -12.80 15.90
N TYR F 23 -15.49 -12.40 17.16
CA TYR F 23 -15.10 -11.03 17.54
C TYR F 23 -13.78 -10.69 16.82
N SER F 24 -13.84 -9.63 16.01
CA SER F 24 -12.69 -9.23 15.22
C SER F 24 -12.60 -7.77 14.92
N CYS F 25 -11.37 -7.33 14.66
CA CYS F 25 -11.12 -5.94 14.33
C CYS F 25 -11.35 -5.81 12.85
N GLU F 26 -11.40 -4.58 12.34
CA GLU F 26 -11.54 -4.27 10.92
C GLU F 26 -10.35 -4.88 10.12
N GLY F 27 -9.22 -5.03 10.79
CA GLY F 27 -8.07 -5.57 10.12
C GLY F 27 -8.22 -7.06 9.83
N CYS F 28 -8.66 -7.83 10.83
CA CYS F 28 -8.81 -9.26 10.60
C CYS F 28 -10.10 -9.54 9.80
N LYS F 29 -11.08 -8.66 9.97
CA LYS F 29 -12.34 -8.74 9.23
C LYS F 29 -12.01 -8.73 7.73
N GLY F 30 -11.44 -7.62 7.24
CA GLY F 30 -11.11 -7.55 5.82
C GLY F 30 -10.05 -8.54 5.37
N PHE F 31 -9.16 -8.93 6.27
CA PHE F 31 -8.10 -9.83 5.85
C PHE F 31 -8.70 -11.18 5.46
N PHE F 32 -9.57 -11.68 6.33
CA PHE F 32 -10.25 -12.95 6.15
C PHE F 32 -11.07 -12.86 4.87
N LYS F 33 -11.72 -11.72 4.68
CA LYS F 33 -12.57 -11.47 3.52
C LYS F 33 -11.76 -11.69 2.23
N ARG F 34 -10.71 -10.90 2.09
CA ARG F 34 -9.80 -10.90 0.94
C ARG F 34 -9.24 -12.25 0.58
N THR F 35 -8.96 -13.04 1.61
CA THR F 35 -8.39 -14.37 1.44
C THR F 35 -9.36 -15.41 0.92
N VAL F 36 -10.53 -15.50 1.57
CA VAL F 36 -11.55 -16.49 1.16
C VAL F 36 -12.01 -16.12 -0.22
N ARG F 37 -12.47 -14.88 -0.39
CA ARG F 37 -12.91 -14.35 -1.66
C ARG F 37 -11.89 -14.63 -2.78
N LYS F 38 -10.59 -14.65 -2.43
CA LYS F 38 -9.51 -14.85 -3.41
C LYS F 38 -8.86 -16.19 -3.42
N ASP F 39 -9.29 -17.05 -2.53
CA ASP F 39 -8.72 -18.39 -2.46
C ASP F 39 -7.22 -18.27 -2.16
N LEU F 40 -6.87 -17.23 -1.43
CA LEU F 40 -5.48 -16.98 -1.09
C LEU F 40 -4.76 -18.05 -0.28
N THR F 41 -3.52 -18.33 -0.70
CA THR F 41 -2.66 -19.29 -0.03
C THR F 41 -1.37 -18.65 0.51
N TYR F 42 -1.12 -18.93 1.77
CA TYR F 42 0.02 -18.37 2.49
C TYR F 42 0.99 -19.44 2.99
N THR F 43 2.17 -18.99 3.42
CA THR F 43 3.20 -19.91 3.93
C THR F 43 3.95 -19.27 5.06
N CYS F 44 4.14 -20.06 6.12
CA CYS F 44 4.90 -19.61 7.31
C CYS F 44 6.39 -19.76 7.13
N ARG F 45 7.09 -18.66 7.41
CA ARG F 45 8.53 -18.61 7.26
C ARG F 45 9.23 -18.62 8.62
N ASP F 46 8.62 -19.35 9.54
CA ASP F 46 9.15 -19.48 10.91
C ASP F 46 8.81 -20.87 11.46
N ASN F 47 7.52 -21.13 11.60
CA ASN F 47 7.02 -22.41 12.08
C ASN F 47 5.49 -22.46 12.02
N LYS F 48 4.91 -23.40 12.73
CA LYS F 48 3.47 -23.46 12.74
C LYS F 48 3.00 -22.11 13.34
N ASP F 49 3.15 -21.99 14.67
CA ASP F 49 2.77 -20.81 15.44
C ASP F 49 3.78 -19.66 15.36
N CYS F 50 3.22 -18.46 15.26
CA CYS F 50 3.90 -17.19 15.17
C CYS F 50 2.93 -16.35 15.98
N LEU F 51 3.41 -15.43 16.82
CA LEU F 51 2.52 -14.63 17.64
C LEU F 51 1.78 -13.50 16.89
N ILE F 52 0.44 -13.52 16.96
CA ILE F 52 -0.38 -12.48 16.32
C ILE F 52 -0.87 -11.52 17.38
N ASP F 53 -0.56 -10.24 17.16
CA ASP F 53 -0.96 -9.11 18.00
C ASP F 53 -1.14 -7.87 17.07
N LYS F 54 -1.84 -6.83 17.52
CA LYS F 54 -2.09 -5.66 16.68
C LYS F 54 -0.89 -5.12 15.88
N ARG F 55 0.30 -5.15 16.49
CA ARG F 55 1.47 -4.58 15.83
C ARG F 55 2.32 -5.51 14.97
N GLN F 56 2.23 -6.81 15.28
CA GLN F 56 2.95 -7.89 14.60
C GLN F 56 2.03 -8.82 13.79
N ARG F 57 0.77 -8.44 13.54
CA ARG F 57 -0.15 -9.34 12.81
C ARG F 57 0.14 -9.60 11.30
N ASN F 58 0.52 -8.54 10.59
CA ASN F 58 0.84 -8.57 9.16
C ASN F 58 2.13 -9.22 8.67
N ARG F 59 2.90 -9.82 9.58
CA ARG F 59 4.14 -10.39 9.14
C ARG F 59 3.91 -11.78 8.62
N CYS F 60 3.19 -12.58 9.38
CA CYS F 60 2.98 -13.93 8.91
C CYS F 60 1.59 -14.29 8.44
N GLN F 61 1.19 -13.74 7.28
CA GLN F 61 -0.14 -14.02 6.73
C GLN F 61 -0.60 -15.46 6.92
N TYR F 62 0.33 -16.38 7.04
CA TYR F 62 -0.03 -17.76 7.23
C TYR F 62 -0.58 -17.99 8.63
N CYS F 63 0.13 -17.55 9.67
CA CYS F 63 -0.37 -17.81 11.02
C CYS F 63 -1.65 -17.03 11.39
N ARG F 64 -1.76 -15.84 10.81
CA ARG F 64 -2.89 -14.95 11.00
C ARG F 64 -4.25 -15.50 10.52
N TYR F 65 -4.30 -16.15 9.37
CA TYR F 65 -5.58 -16.66 8.88
C TYR F 65 -5.86 -18.05 9.49
N GLN F 66 -4.81 -18.73 9.90
CA GLN F 66 -4.96 -19.99 10.56
C GLN F 66 -5.57 -19.71 11.95
N LYS F 67 -5.14 -18.61 12.58
CA LYS F 67 -5.60 -18.14 13.91
C LYS F 67 -7.04 -17.60 13.70
N CYS F 68 -7.26 -17.05 12.51
CA CYS F 68 -8.57 -16.57 12.10
C CYS F 68 -9.52 -17.80 12.09
N LEU F 69 -8.98 -18.96 11.74
CA LEU F 69 -9.75 -20.19 11.72
C LEU F 69 -9.79 -20.94 13.07
N ALA F 70 -8.72 -20.84 13.86
CA ALA F 70 -8.68 -21.53 15.16
C ALA F 70 -9.55 -20.80 16.22
N MET F 71 -9.95 -19.58 15.87
CA MET F 71 -10.81 -18.73 16.70
C MET F 71 -12.31 -18.94 16.34
N GLY F 72 -12.57 -19.44 15.13
CA GLY F 72 -13.92 -19.77 14.68
C GLY F 72 -14.47 -19.04 13.48
N MET F 73 -13.62 -18.28 12.78
CA MET F 73 -14.12 -17.56 11.63
C MET F 73 -14.79 -18.54 10.64
N LYS F 74 -15.94 -18.12 10.12
CA LYS F 74 -16.76 -18.88 9.18
C LYS F 74 -16.61 -18.44 7.70
N ARG F 75 -15.93 -19.30 6.96
CA ARG F 75 -15.64 -19.10 5.55
C ARG F 75 -16.95 -18.87 4.79
N GLU F 76 -18.00 -19.54 5.29
CA GLU F 76 -19.34 -19.46 4.69
C GLU F 76 -20.04 -18.14 4.93
N ALA F 77 -19.72 -17.49 6.04
CA ALA F 77 -20.34 -16.20 6.34
C ALA F 77 -19.80 -15.19 5.35
N VAL F 78 -18.87 -15.62 4.49
CA VAL F 78 -18.32 -14.71 3.45
C VAL F 78 -19.19 -14.85 2.18
N GLN F 79 -19.51 -13.73 1.55
CA GLN F 79 -20.35 -13.68 0.37
C GLN F 79 -19.53 -13.04 -0.72
N GLU F 80 -19.62 -13.53 -1.97
CA GLU F 80 -18.81 -12.94 -3.03
C GLU F 80 -19.54 -11.87 -3.81
N GLU F 81 -20.77 -12.15 -4.22
CA GLU F 81 -21.57 -11.22 -5.04
C GLU F 81 -21.44 -9.71 -4.75
N ARG F 82 -21.98 -8.90 -5.64
CA ARG F 82 -21.98 -7.47 -5.45
C ARG F 82 -23.46 -7.23 -5.18
N LYS G 5 1.50 14.31 9.30
CA LYS G 5 2.86 14.82 8.93
C LYS G 5 3.88 14.30 9.94
N HIS G 6 4.99 13.76 9.43
CA HIS G 6 6.05 13.17 10.24
C HIS G 6 7.46 13.30 9.66
N ILE G 7 8.44 13.00 10.50
CA ILE G 7 9.82 13.05 10.08
C ILE G 7 10.45 11.71 10.43
N CYS G 8 11.66 11.49 9.90
CA CYS G 8 12.36 10.26 10.17
C CYS G 8 12.86 10.27 11.63
N ALA G 9 12.94 9.09 12.21
CA ALA G 9 13.32 8.92 13.58
C ALA G 9 14.78 8.62 13.75
N ILE G 10 15.37 8.11 12.68
CA ILE G 10 16.80 7.74 12.63
C ILE G 10 17.63 8.78 11.90
N CYS G 11 16.99 9.78 11.27
CA CYS G 11 17.76 10.78 10.56
C CYS G 11 17.16 12.15 10.45
N GLY G 12 15.88 12.28 10.70
CA GLY G 12 15.30 13.61 10.62
C GLY G 12 14.89 14.01 9.21
N ASP G 13 14.72 12.98 8.41
CA ASP G 13 14.31 13.21 7.05
C ASP G 13 12.79 13.02 6.96
N ARG G 14 12.15 13.58 5.93
CA ARG G 14 10.70 13.38 5.73
C ARG G 14 10.37 11.86 5.85
N SER G 15 9.43 11.49 6.72
CA SER G 15 9.04 10.07 6.87
C SER G 15 7.93 9.66 5.90
N SER G 16 7.99 8.41 5.43
CA SER G 16 6.94 7.89 4.53
C SER G 16 5.76 7.67 5.47
N GLY G 17 6.02 6.78 6.42
CA GLY G 17 5.10 6.38 7.45
C GLY G 17 6.05 5.53 8.25
N LYS G 18 5.56 4.57 9.02
CA LYS G 18 6.48 3.68 9.77
C LYS G 18 7.00 2.54 8.86
N HIS G 19 8.20 2.09 9.13
CA HIS G 19 8.70 1.06 8.30
C HIS G 19 9.04 -0.19 9.08
N TYR G 20 9.85 -0.16 10.11
CA TYR G 20 9.89 -1.47 10.80
C TYR G 20 9.53 -1.20 12.23
N GLY G 21 8.43 -0.45 12.33
CA GLY G 21 7.87 -0.05 13.59
C GLY G 21 7.93 1.45 13.79
N VAL G 22 9.10 2.00 13.50
CA VAL G 22 9.42 3.41 13.66
C VAL G 22 9.20 4.26 12.42
N TYR G 23 8.70 5.47 12.61
CA TYR G 23 8.47 6.36 11.49
C TYR G 23 9.83 6.58 10.92
N SER G 24 9.94 6.31 9.60
CA SER G 24 11.20 6.43 8.87
C SER G 24 11.07 7.09 7.55
N CYS G 25 12.20 7.16 6.88
CA CYS G 25 12.24 7.73 5.55
C CYS G 25 12.51 6.51 4.66
N GLU G 26 12.42 6.68 3.35
CA GLU G 26 12.70 5.60 2.44
C GLU G 26 14.13 5.09 2.69
N GLY G 27 15.03 6.02 3.07
CA GLY G 27 16.43 5.73 3.34
C GLY G 27 16.76 4.85 4.55
N CYS G 28 16.31 5.22 5.76
CA CYS G 28 16.58 4.39 6.95
C CYS G 28 15.85 3.05 6.79
N LYS G 29 14.70 3.13 6.13
CA LYS G 29 13.90 1.96 5.74
C LYS G 29 14.83 0.93 4.96
N GLY G 30 15.27 1.30 3.76
CA GLY G 30 16.13 0.41 2.94
C GLY G 30 17.49 -0.04 3.50
N PHE G 31 18.17 0.91 4.14
CA PHE G 31 19.45 0.67 4.76
C PHE G 31 19.26 -0.38 5.86
N PHE G 32 18.17 -0.24 6.64
CA PHE G 32 17.85 -1.20 7.70
C PHE G 32 17.38 -2.59 7.22
N LYS G 33 16.52 -2.64 6.21
CA LYS G 33 16.07 -3.91 5.68
C LYS G 33 17.29 -4.59 5.03
N ARG G 34 18.06 -3.80 4.25
CA ARG G 34 19.28 -4.26 3.57
C ARG G 34 20.27 -4.93 4.50
N THR G 35 20.38 -4.45 5.72
CA THR G 35 21.35 -5.04 6.65
C THR G 35 20.91 -6.41 7.20
N VAL G 36 19.61 -6.57 7.39
CA VAL G 36 19.03 -7.81 7.93
C VAL G 36 18.90 -8.80 6.80
N ARG G 37 18.61 -8.27 5.63
CA ARG G 37 18.40 -9.09 4.46
C ARG G 37 19.58 -10.01 4.20
N LYS G 38 20.76 -9.48 4.46
CA LYS G 38 22.01 -10.21 4.32
C LYS G 38 22.84 -9.88 5.55
N ASP G 39 22.81 -10.75 6.55
CA ASP G 39 23.55 -10.52 7.76
C ASP G 39 24.93 -9.84 7.51
N LEU G 40 24.98 -8.51 7.53
CA LEU G 40 26.25 -7.79 7.36
C LEU G 40 26.42 -6.77 8.50
N THR G 41 27.68 -6.57 8.97
CA THR G 41 28.00 -5.62 10.07
C THR G 41 29.07 -4.61 9.77
N TYR G 42 29.31 -3.74 10.76
CA TYR G 42 30.30 -2.66 10.64
C TYR G 42 31.12 -2.22 11.85
N THR G 43 32.12 -1.40 11.55
CA THR G 43 33.04 -0.88 12.54
C THR G 43 33.14 0.63 12.37
N CYS G 44 32.51 1.39 13.27
CA CYS G 44 32.56 2.84 13.21
C CYS G 44 34.00 3.19 12.86
N ARG G 45 34.15 4.17 11.96
CA ARG G 45 35.47 4.59 11.47
C ARG G 45 36.46 4.77 12.60
N ASP G 46 36.07 5.58 13.57
CA ASP G 46 36.92 5.90 14.73
C ASP G 46 36.58 5.09 15.99
N ASN G 47 35.29 4.84 16.23
CA ASN G 47 34.86 4.07 17.40
C ASN G 47 33.34 3.74 17.46
N LYS G 48 32.56 4.78 17.74
CA LYS G 48 31.11 4.68 17.89
C LYS G 48 30.69 6.14 17.90
N ASP G 49 31.65 6.97 17.56
CA ASP G 49 31.49 8.41 17.52
C ASP G 49 30.68 8.80 16.28
N CYS G 50 29.38 9.13 16.42
CA CYS G 50 28.62 9.53 15.21
C CYS G 50 27.31 10.29 15.36
N LEU G 51 27.08 11.15 14.38
CA LEU G 51 25.88 12.02 14.30
C LEU G 51 25.11 11.79 13.00
N ILE G 52 24.05 11.00 13.06
CA ILE G 52 23.22 10.71 11.88
C ILE G 52 22.08 11.71 11.72
N ASP G 53 22.23 12.57 10.71
CA ASP G 53 21.18 13.54 10.36
C ASP G 53 20.91 13.29 8.86
N LYS G 54 20.09 14.10 8.21
CA LYS G 54 19.83 13.81 6.79
C LYS G 54 20.94 14.20 5.76
N ARG G 55 22.15 14.50 6.26
CA ARG G 55 23.26 14.92 5.41
C ARG G 55 24.41 13.94 5.51
N GLN G 56 24.73 13.59 6.75
CA GLN G 56 25.84 12.67 7.02
C GLN G 56 25.35 11.29 7.40
N ARG G 57 24.12 10.98 6.99
CA ARG G 57 23.55 9.67 7.37
C ARG G 57 24.30 8.51 6.76
N ASN G 58 24.91 8.79 5.61
CA ASN G 58 25.71 7.77 4.92
C ASN G 58 27.18 7.67 5.37
N ARG G 59 27.60 8.55 6.28
CA ARG G 59 28.98 8.52 6.76
C ARG G 59 29.25 7.24 7.52
N CYS G 60 28.61 7.09 8.68
CA CYS G 60 28.82 5.87 9.46
C CYS G 60 27.60 4.95 9.44
N GLN G 61 27.77 3.86 8.68
CA GLN G 61 26.79 2.80 8.49
C GLN G 61 26.73 1.99 9.78
N TYR G 62 27.85 1.82 10.47
CA TYR G 62 27.79 1.05 11.72
C TYR G 62 26.71 1.73 12.53
N CYS G 63 27.05 2.93 13.02
CA CYS G 63 26.17 3.76 13.83
C CYS G 63 24.79 4.04 13.26
N ARG G 64 24.65 4.23 11.93
CA ARG G 64 23.32 4.44 11.29
C ARG G 64 22.41 3.22 11.48
N TYR G 65 23.03 2.05 11.45
CA TYR G 65 22.29 0.84 11.68
C TYR G 65 21.99 0.76 13.15
N GLN G 66 22.90 1.31 13.96
CA GLN G 66 22.74 1.29 15.41
C GLN G 66 21.78 2.32 16.01
N LYS G 67 21.53 3.39 15.28
CA LYS G 67 20.56 4.37 15.72
C LYS G 67 19.19 3.82 15.29
N CYS G 68 19.21 3.00 14.23
CA CYS G 68 18.01 2.33 13.71
C CYS G 68 17.61 1.42 14.85
N LEU G 69 18.62 0.74 15.40
CA LEU G 69 18.54 -0.22 16.48
C LEU G 69 18.54 0.43 17.87
N ALA G 70 17.86 1.57 18.01
CA ALA G 70 17.78 2.27 19.29
C ALA G 70 16.38 2.87 19.31
N MET G 71 15.93 3.28 18.13
CA MET G 71 14.63 3.86 17.86
C MET G 71 13.59 2.73 17.68
N GLY G 72 14.09 1.50 17.52
CA GLY G 72 13.19 0.37 17.43
C GLY G 72 12.89 -0.31 16.10
N MET G 73 13.79 -0.28 15.14
CA MET G 73 13.50 -0.99 13.91
C MET G 73 13.76 -2.37 14.36
N LYS G 74 12.76 -3.21 14.15
CA LYS G 74 12.78 -4.62 14.52
C LYS G 74 13.18 -5.48 13.33
N ARG G 75 14.28 -6.20 13.49
CA ARG G 75 14.81 -7.07 12.43
C ARG G 75 13.79 -8.11 12.03
N GLU G 76 12.86 -8.37 12.97
CA GLU G 76 11.79 -9.35 12.81
C GLU G 76 10.69 -8.83 11.91
N ALA G 77 10.49 -7.52 12.01
CA ALA G 77 9.50 -6.77 11.22
C ALA G 77 9.97 -6.78 9.76
N VAL G 78 11.14 -7.39 9.61
CA VAL G 78 11.88 -7.54 8.37
C VAL G 78 12.03 -9.04 8.14
N GLN G 79 12.37 -9.71 9.25
CA GLN G 79 12.64 -11.16 9.36
C GLN G 79 11.53 -12.24 9.55
N GLU G 80 10.64 -12.42 8.57
CA GLU G 80 9.70 -13.55 8.64
C GLU G 80 10.51 -14.52 7.78
N GLU G 81 11.15 -13.93 6.77
CA GLU G 81 12.06 -14.60 5.82
C GLU G 81 12.66 -13.58 4.82
N ARG G 82 13.79 -13.95 4.21
CA ARG G 82 14.49 -13.13 3.21
C ARG G 82 14.00 -13.40 1.78
N SER H 2 18.66 -1.89 -28.15
CA SER H 2 19.33 -2.32 -26.88
C SER H 2 20.70 -1.64 -26.74
N PHE H 3 21.43 -1.47 -27.85
CA PHE H 3 22.74 -0.79 -27.85
C PHE H 3 22.37 0.71 -27.95
N THR H 4 21.09 0.96 -28.17
CA THR H 4 20.57 2.32 -28.20
C THR H 4 19.83 2.41 -26.85
N LYS H 5 20.45 3.11 -25.90
CA LYS H 5 19.92 3.37 -24.55
C LYS H 5 19.49 4.82 -24.55
N HIS H 6 20.38 5.67 -24.08
CA HIS H 6 20.13 7.10 -24.06
C HIS H 6 21.41 7.73 -24.50
N ILE H 7 21.35 8.99 -24.92
CA ILE H 7 22.52 9.73 -25.41
C ILE H 7 22.87 10.94 -24.54
N CYS H 8 24.11 11.01 -24.09
CA CYS H 8 24.55 12.15 -23.27
C CYS H 8 24.14 13.44 -23.99
N ALA H 9 23.47 14.30 -23.26
CA ALA H 9 22.99 15.53 -23.90
C ALA H 9 24.09 16.54 -24.10
N ILE H 10 25.26 16.27 -23.53
CA ILE H 10 26.36 17.26 -23.75
C ILE H 10 27.36 16.91 -24.84
N CYS H 11 27.73 15.63 -24.99
CA CYS H 11 28.65 15.21 -26.08
C CYS H 11 28.11 14.19 -27.13
N GLY H 12 26.93 13.62 -26.90
CA GLY H 12 26.38 12.66 -27.85
C GLY H 12 26.96 11.26 -27.67
N ASP H 13 27.86 11.11 -26.72
CA ASP H 13 28.47 9.82 -26.37
C ASP H 13 27.28 8.97 -25.87
N ARG H 14 27.49 7.68 -25.64
CA ARG H 14 26.37 6.88 -25.17
C ARG H 14 26.15 7.08 -23.68
N SER H 15 24.90 6.91 -23.29
CA SER H 15 24.43 7.13 -21.93
C SER H 15 23.52 6.08 -21.25
N SER H 16 23.85 5.80 -20.01
CA SER H 16 23.13 4.87 -19.12
C SER H 16 21.79 5.52 -18.69
N GLY H 17 21.80 6.83 -18.51
CA GLY H 17 20.62 7.53 -18.06
C GLY H 17 21.01 8.91 -17.63
N LYS H 18 20.14 9.58 -16.88
CA LYS H 18 20.43 10.97 -16.47
C LYS H 18 21.44 10.97 -15.37
N HIS H 19 22.23 12.05 -15.22
CA HIS H 19 23.24 11.97 -14.19
C HIS H 19 23.38 13.02 -13.09
N TYR H 20 22.84 14.20 -13.33
CA TYR H 20 22.83 15.30 -12.34
C TYR H 20 21.72 16.08 -13.00
N GLY H 21 20.62 15.32 -13.18
CA GLY H 21 19.38 15.80 -13.77
C GLY H 21 19.31 15.87 -15.26
N VAL H 22 20.26 15.26 -15.97
CA VAL H 22 20.28 15.32 -17.43
C VAL H 22 21.02 14.10 -18.03
N TYR H 23 20.60 13.61 -19.22
CA TYR H 23 21.27 12.41 -19.79
C TYR H 23 22.73 12.70 -20.02
N SER H 24 23.58 11.83 -19.53
CA SER H 24 24.99 12.11 -19.72
C SER H 24 25.82 10.85 -19.67
N CYS H 25 26.87 10.80 -20.51
CA CYS H 25 27.78 9.65 -20.54
C CYS H 25 28.59 9.65 -19.26
N GLU H 26 29.27 8.52 -19.00
CA GLU H 26 30.14 8.42 -17.84
C GLU H 26 31.24 9.50 -17.87
N GLY H 27 31.62 9.94 -19.06
CA GLY H 27 32.64 10.95 -19.22
C GLY H 27 32.24 12.37 -18.79
N CYS H 28 31.03 12.77 -19.13
CA CYS H 28 30.61 14.10 -18.71
C CYS H 28 30.01 14.04 -17.28
N LYS H 29 29.67 12.85 -16.82
CA LYS H 29 29.13 12.71 -15.47
C LYS H 29 30.29 12.89 -14.47
N GLY H 30 31.40 12.17 -14.65
CA GLY H 30 32.52 12.36 -13.72
C GLY H 30 33.11 13.77 -13.78
N PHE H 31 33.36 14.24 -14.99
CA PHE H 31 33.88 15.56 -15.19
C PHE H 31 33.06 16.60 -14.32
N PHE H 32 31.77 16.73 -14.58
CA PHE H 32 30.96 17.66 -13.82
C PHE H 32 31.13 17.45 -12.33
N LYS H 33 31.13 16.19 -11.90
CA LYS H 33 31.29 15.84 -10.48
C LYS H 33 32.54 16.48 -9.98
N ARG H 34 33.64 16.17 -10.67
CA ARG H 34 34.95 16.68 -10.32
C ARG H 34 35.03 18.20 -10.31
N THR H 35 34.29 18.87 -11.21
CA THR H 35 34.30 20.33 -11.23
C THR H 35 33.54 20.94 -10.09
N VAL H 36 32.43 20.35 -9.74
CA VAL H 36 31.61 20.92 -8.67
C VAL H 36 32.31 20.81 -7.32
N ARG H 37 32.65 19.58 -6.95
CA ARG H 37 33.32 19.27 -5.71
C ARG H 37 34.65 20.00 -5.50
N LYS H 38 35.24 20.48 -6.59
CA LYS H 38 36.52 21.19 -6.52
C LYS H 38 36.45 22.63 -7.00
N ASP H 39 35.25 23.15 -7.24
CA ASP H 39 35.06 24.53 -7.70
C ASP H 39 36.03 24.94 -8.81
N LEU H 40 36.38 23.98 -9.66
CA LEU H 40 37.29 24.21 -10.76
C LEU H 40 36.76 25.24 -11.73
N THR H 41 37.62 26.22 -11.99
CA THR H 41 37.35 27.30 -12.91
C THR H 41 38.22 27.12 -14.17
N TYR H 42 37.57 27.33 -15.30
CA TYR H 42 38.19 27.13 -16.57
C TYR H 42 38.07 28.41 -17.38
N THR H 43 38.68 28.40 -18.54
CA THR H 43 38.69 29.53 -19.46
C THR H 43 38.74 29.00 -20.90
N CYS H 44 37.91 29.58 -21.75
CA CYS H 44 37.86 29.22 -23.18
C CYS H 44 39.04 29.89 -23.89
N ARG H 45 39.87 29.07 -24.53
CA ARG H 45 41.05 29.53 -25.27
C ARG H 45 40.58 30.14 -26.61
N ASP H 46 39.27 30.06 -26.85
CA ASP H 46 38.68 30.60 -28.07
C ASP H 46 37.62 31.61 -27.73
N ASN H 47 36.42 31.35 -28.25
CA ASN H 47 35.28 32.23 -28.01
C ASN H 47 34.05 31.61 -27.30
N LYS H 48 32.93 31.80 -27.98
CA LYS H 48 31.61 31.32 -27.59
C LYS H 48 31.55 29.78 -27.43
N ASP H 49 30.73 29.10 -28.23
CA ASP H 49 30.63 27.66 -28.07
C ASP H 49 31.57 26.75 -28.89
N CYS H 50 32.72 26.45 -28.29
CA CYS H 50 33.65 25.52 -28.90
C CYS H 50 32.78 24.28 -29.03
N LEU H 51 32.90 23.61 -30.18
CA LEU H 51 32.13 22.38 -30.44
C LEU H 51 32.40 21.28 -29.42
N ILE H 52 31.31 20.82 -28.81
CA ILE H 52 31.45 19.75 -27.83
C ILE H 52 30.73 18.51 -28.32
N ASP H 53 31.54 17.54 -28.76
CA ASP H 53 31.14 16.21 -29.26
C ASP H 53 32.06 15.10 -28.69
N LYS H 54 31.60 13.85 -28.77
CA LYS H 54 32.32 12.74 -28.16
C LYS H 54 33.80 12.67 -28.40
N ARG H 55 34.25 13.17 -29.56
CA ARG H 55 35.69 13.09 -29.97
C ARG H 55 36.50 14.31 -29.55
N GLN H 56 35.77 15.43 -29.55
CA GLN H 56 36.25 16.77 -29.23
C GLN H 56 35.87 17.35 -27.82
N ARG H 57 35.19 16.59 -26.97
CA ARG H 57 34.78 17.14 -25.64
C ARG H 57 35.92 17.68 -24.74
N ASN H 58 36.90 16.85 -24.46
CA ASN H 58 38.03 17.23 -23.64
C ASN H 58 38.88 18.40 -24.24
N ARG H 59 38.52 18.87 -25.42
CA ARG H 59 39.24 19.95 -26.09
C ARG H 59 39.31 21.23 -25.26
N CYS H 60 38.14 21.67 -24.82
CA CYS H 60 38.02 22.90 -24.04
C CYS H 60 37.14 22.76 -22.80
N GLN H 61 37.82 22.52 -21.68
CA GLN H 61 37.27 22.36 -20.34
C GLN H 61 36.15 23.32 -19.91
N TYR H 62 36.27 24.56 -20.39
CA TYR H 62 35.33 25.62 -20.10
C TYR H 62 33.99 25.43 -20.81
N CYS H 63 34.03 25.28 -22.14
CA CYS H 63 32.83 25.10 -22.93
C CYS H 63 32.10 23.79 -22.62
N ARG H 64 32.85 22.79 -22.14
CA ARG H 64 32.31 21.47 -21.74
C ARG H 64 31.40 21.62 -20.52
N TYR H 65 31.94 22.24 -19.47
CA TYR H 65 31.20 22.49 -18.23
C TYR H 65 30.06 23.50 -18.46
N GLN H 66 30.26 24.50 -19.33
CA GLN H 66 29.18 25.42 -19.65
C GLN H 66 27.99 24.75 -20.34
N LYS H 67 28.29 23.71 -21.12
CA LYS H 67 27.28 22.93 -21.84
C LYS H 67 26.70 21.93 -20.89
N CYS H 68 27.46 21.55 -19.88
CA CYS H 68 26.95 20.64 -18.86
C CYS H 68 25.76 21.33 -18.19
N LEU H 69 25.90 22.62 -17.86
CA LEU H 69 24.83 23.35 -17.22
C LEU H 69 23.80 23.92 -18.18
N ALA H 70 24.24 24.21 -19.40
CA ALA H 70 23.32 24.79 -20.37
C ALA H 70 22.25 23.74 -20.77
N MET H 71 22.58 22.49 -20.51
CA MET H 71 21.69 21.37 -20.83
C MET H 71 20.83 21.10 -19.63
N GLY H 72 21.33 21.47 -18.46
CA GLY H 72 20.50 21.32 -17.29
C GLY H 72 21.09 20.53 -16.16
N MET H 73 22.42 20.24 -16.17
CA MET H 73 22.95 19.44 -15.05
C MET H 73 22.72 20.27 -13.78
N LYS H 74 22.46 19.57 -12.71
CA LYS H 74 22.16 20.15 -11.42
C LYS H 74 23.31 20.09 -10.41
N ARG H 75 23.89 21.25 -10.18
CA ARG H 75 25.01 21.35 -9.27
C ARG H 75 24.58 20.79 -7.92
N GLU H 76 23.33 21.04 -7.59
CA GLU H 76 22.76 20.62 -6.33
C GLU H 76 22.87 19.11 -6.06
N ALA H 77 22.85 18.33 -7.14
CA ALA H 77 22.87 16.86 -7.08
C ALA H 77 24.21 16.25 -6.76
N VAL H 78 25.27 17.05 -6.65
CA VAL H 78 26.55 16.43 -6.32
C VAL H 78 26.64 16.38 -4.78
N GLN H 79 27.16 15.32 -4.19
CA GLN H 79 27.30 15.19 -2.72
C GLN H 79 28.81 15.12 -2.41
N GLU H 80 29.28 14.73 -1.22
CA GLU H 80 30.75 14.72 -0.99
C GLU H 80 31.50 13.65 -0.14
N GLU H 81 31.00 13.36 1.06
CA GLU H 81 31.60 12.39 2.01
C GLU H 81 31.77 10.91 1.57
ZN ZN I . -37.35 -13.09 0.06
ZN ZN J . -32.32 -6.40 -13.18
ZN ZN K . -7.74 -8.21 14.66
ZN ZN L . 3.82 -17.97 10.77
ZN ZN M . 15.97 8.32 7.84
ZN ZN N . 30.11 5.90 13.70
ZN ZN O . 29.07 13.07 -22.53
ZN ZN P . 35.82 26.76 -25.44
#